data_2BGL
#
_entry.id   2BGL
#
_cell.length_a   58.510
_cell.length_b   118.910
_cell.length_c   132.000
_cell.angle_alpha   90.00
_cell.angle_beta   90.00
_cell.angle_gamma   90.00
#
_symmetry.space_group_name_H-M   'F 2 2 2'
#
loop_
_entity.id
_entity.type
_entity.pdbx_description
1 polymer 'RHIZOME SECOISOLARICIRESINOL DEHYDROGENASE'
2 non-polymer 'NICOTINAMIDE-ADENINE-DINUCLEOTIDE (ACIDIC FORM)'
3 water water
#
_entity_poly.entity_id   1
_entity_poly.type   'polypeptide(L)'
_entity_poly.pdbx_seq_one_letter_code
;MGSTSTPDSSTNRLQDKVAIITGGAGGIGETTAKLFVRYGAKVVIADIADDHGQKVCNNIGSPDVISFVHCDVTKDEDVR
NLVDTTIAKHGKLDIMFGNVGVLSTTPYSILEAGNEDFKRVMDINVYGAFLVAKHAARVMIPAKKGSIVFTASISSFTAG
EGVSHVYTATKHAVLGLTTSLCTELGEYGIRVNCVSPYIVASPLLTDVFGVDSSRVEELAHQAANLKGTLLRAEDVADAV
AYLAGDESKYVSGLNLVIDGGYTRTNPAFPTALKHGLA
;
_entity_poly.pdbx_strand_id   A
#
loop_
_chem_comp.id
_chem_comp.type
_chem_comp.name
_chem_comp.formula
NAJ non-polymer 'NICOTINAMIDE-ADENINE-DINUCLEOTIDE (ACIDIC FORM)' 'C21 H27 N7 O14 P2'
#
# COMPACT_ATOMS: atom_id res chain seq x y z
N THR A 11 -5.17 24.19 0.66
CA THR A 11 -6.41 23.99 1.40
C THR A 11 -6.48 22.54 1.90
N ASN A 12 -7.51 22.15 2.68
CA ASN A 12 -7.73 20.75 3.04
C ASN A 12 -8.59 20.14 1.94
N ARG A 13 -7.81 19.56 1.02
CA ARG A 13 -8.29 18.98 -0.23
C ARG A 13 -9.38 17.94 -0.10
N LEU A 14 -9.18 16.67 0.32
CA LEU A 14 -10.32 15.75 0.38
C LEU A 14 -11.10 15.75 1.68
N GLN A 15 -11.41 16.98 2.01
CA GLN A 15 -12.18 17.33 3.16
C GLN A 15 -13.61 16.94 2.92
N ASP A 16 -13.89 16.15 3.95
CA ASP A 16 -15.08 15.48 4.44
C ASP A 16 -14.70 14.02 4.69
N LYS A 17 -13.93 13.41 3.79
CA LYS A 17 -13.70 11.97 3.77
C LYS A 17 -13.33 11.26 5.04
N VAL A 18 -13.93 10.10 5.17
CA VAL A 18 -13.57 9.16 6.20
C VAL A 18 -12.84 8.06 5.41
N ALA A 19 -11.60 7.86 5.90
CA ALA A 19 -10.61 6.90 5.40
C ALA A 19 -10.17 5.86 6.45
N ILE A 20 -9.63 4.69 6.05
CA ILE A 20 -9.15 3.58 6.90
C ILE A 20 -7.85 3.16 6.29
N ILE A 21 -6.74 3.24 7.01
CA ILE A 21 -5.53 2.66 6.45
C ILE A 21 -5.46 1.30 7.13
N THR A 22 -5.16 0.27 6.37
CA THR A 22 -5.03 -1.07 6.93
C THR A 22 -3.53 -1.35 7.05
N GLY A 23 -2.76 -0.36 7.57
CA GLY A 23 -1.34 -0.60 7.80
C GLY A 23 -0.52 0.64 8.08
N GLY A 24 -1.16 1.58 8.77
CA GLY A 24 -0.64 2.91 8.99
C GLY A 24 0.07 3.21 10.29
N ALA A 25 0.87 2.24 10.69
CA ALA A 25 1.74 2.41 11.84
C ALA A 25 3.15 2.55 11.32
N GLY A 26 3.49 1.53 10.55
CA GLY A 26 4.80 1.33 9.97
C GLY A 26 5.50 2.47 9.24
N GLY A 27 5.14 2.70 7.96
CA GLY A 27 5.95 3.58 7.13
C GLY A 27 5.26 4.38 6.05
N ILE A 28 4.83 3.75 4.93
CA ILE A 28 4.03 4.43 3.89
C ILE A 28 2.75 4.93 4.59
N GLY A 29 2.10 3.95 5.23
CA GLY A 29 0.86 4.10 5.96
C GLY A 29 0.74 5.26 6.93
N GLU A 30 1.77 5.88 7.50
CA GLU A 30 1.50 6.98 8.45
C GLU A 30 1.81 8.34 7.90
N THR A 31 2.50 8.37 6.76
CA THR A 31 2.74 9.65 6.11
C THR A 31 1.57 9.84 5.15
N THR A 32 1.00 8.70 4.65
CA THR A 32 -0.27 8.71 3.92
C THR A 32 -1.41 9.10 4.83
N ALA A 33 -1.30 8.82 6.13
CA ALA A 33 -2.30 9.12 7.15
C ALA A 33 -2.31 10.59 7.52
N LYS A 34 -1.09 11.07 7.81
CA LYS A 34 -0.75 12.45 8.16
C LYS A 34 -1.04 13.40 7.03
N LEU A 35 -1.00 12.92 5.75
CA LEU A 35 -1.36 13.69 4.56
C LEU A 35 -2.85 13.78 4.50
N PHE A 36 -3.57 12.64 4.57
CA PHE A 36 -5.03 12.61 4.60
C PHE A 36 -5.57 13.41 5.76
N VAL A 37 -5.01 13.38 6.99
CA VAL A 37 -5.46 14.31 8.05
C VAL A 37 -4.97 15.73 7.81
N ARG A 38 -3.98 15.97 6.92
CA ARG A 38 -3.61 17.35 6.62
C ARG A 38 -4.63 17.82 5.63
N TYR A 39 -5.03 16.97 4.68
CA TYR A 39 -6.02 17.34 3.68
C TYR A 39 -7.48 17.23 4.14
N GLY A 40 -7.65 17.28 5.44
CA GLY A 40 -8.97 17.33 6.01
C GLY A 40 -9.77 16.05 6.01
N ALA A 41 -9.20 14.85 6.06
CA ALA A 41 -10.04 13.66 6.24
C ALA A 41 -10.19 13.32 7.73
N LYS A 42 -10.79 12.17 8.06
CA LYS A 42 -10.73 11.67 9.42
C LYS A 42 -10.30 10.24 9.22
N VAL A 43 -9.21 9.97 9.89
CA VAL A 43 -8.58 8.71 9.70
C VAL A 43 -8.80 7.83 10.90
N VAL A 44 -8.72 6.52 10.57
CA VAL A 44 -8.68 5.35 11.46
C VAL A 44 -7.49 4.47 11.01
N ILE A 45 -6.33 4.68 11.62
CA ILE A 45 -5.17 3.80 11.38
C ILE A 45 -5.51 2.39 11.83
N ALA A 46 -4.94 1.32 11.31
CA ALA A 46 -5.47 0.04 11.72
C ALA A 46 -4.49 -1.10 11.61
N ASP A 47 -3.65 -1.17 12.63
CA ASP A 47 -2.62 -2.19 12.61
C ASP A 47 -2.63 -3.15 13.79
N ILE A 48 -1.90 -4.28 13.68
CA ILE A 48 -1.64 -5.21 14.78
C ILE A 48 -0.58 -4.59 15.67
N ALA A 49 0.45 -3.90 15.14
CA ALA A 49 1.52 -3.23 15.92
C ALA A 49 1.09 -2.03 16.76
N ASP A 50 0.28 -2.44 17.72
CA ASP A 50 -0.35 -1.80 18.87
C ASP A 50 0.28 -0.62 19.61
N ASP A 51 1.57 -0.80 19.88
CA ASP A 51 2.45 0.19 20.47
C ASP A 51 3.18 1.07 19.48
N HIS A 52 2.93 1.01 18.18
CA HIS A 52 3.48 1.96 17.24
C HIS A 52 2.24 2.58 16.63
N GLY A 53 1.29 1.82 16.08
CA GLY A 53 0.04 2.32 15.56
C GLY A 53 -0.72 3.31 16.46
N GLN A 54 -0.47 3.52 17.78
CA GLN A 54 -1.19 4.56 18.53
C GLN A 54 -0.13 5.57 18.96
N LYS A 55 1.19 5.32 18.83
CA LYS A 55 2.17 6.38 19.07
C LYS A 55 2.46 7.01 17.72
N VAL A 56 1.50 6.83 16.79
CA VAL A 56 1.38 7.36 15.43
C VAL A 56 0.02 8.09 15.48
N CYS A 57 -1.04 7.41 15.93
CA CYS A 57 -2.34 8.02 16.10
C CYS A 57 -2.35 8.99 17.28
N ASN A 58 -1.51 8.83 18.33
CA ASN A 58 -1.39 9.79 19.43
C ASN A 58 -0.57 11.01 19.00
N ASN A 59 0.26 10.84 17.97
CA ASN A 59 1.05 11.92 17.43
C ASN A 59 1.05 11.88 15.93
N ILE A 60 0.06 12.65 15.50
CA ILE A 60 -0.33 13.03 14.13
C ILE A 60 -1.40 14.05 14.48
N GLY A 61 -2.46 13.63 15.17
CA GLY A 61 -3.51 14.54 15.62
C GLY A 61 -4.32 13.96 16.78
N SER A 62 -5.41 14.68 17.07
CA SER A 62 -6.36 14.42 18.16
C SER A 62 -7.63 13.64 17.77
N PRO A 63 -7.98 12.48 18.38
CA PRO A 63 -8.64 11.30 17.78
C PRO A 63 -9.96 11.32 17.01
N ASP A 64 -10.68 12.43 17.23
CA ASP A 64 -11.87 12.82 16.48
C ASP A 64 -11.50 12.75 15.01
N VAL A 65 -10.24 13.12 14.69
CA VAL A 65 -9.71 12.92 13.38
C VAL A 65 -8.81 11.71 13.35
N ILE A 66 -8.06 11.29 14.41
CA ILE A 66 -7.15 10.11 14.33
C ILE A 66 -7.11 9.12 15.49
N SER A 67 -7.72 7.97 15.13
CA SER A 67 -7.85 6.79 15.99
C SER A 67 -7.19 5.50 15.47
N PHE A 68 -6.80 4.58 16.38
CA PHE A 68 -6.13 3.28 16.14
C PHE A 68 -7.11 2.11 16.31
N VAL A 69 -6.98 0.92 15.69
CA VAL A 69 -7.87 -0.22 15.95
C VAL A 69 -7.09 -1.50 15.69
N HIS A 70 -6.73 -2.36 16.66
CA HIS A 70 -6.10 -3.64 16.32
C HIS A 70 -7.01 -4.49 15.39
N CYS A 71 -6.28 -4.76 14.32
CA CYS A 71 -6.75 -5.48 13.17
C CYS A 71 -5.64 -6.44 12.78
N ASP A 72 -5.99 -7.58 12.19
CA ASP A 72 -5.09 -8.65 11.81
C ASP A 72 -5.78 -9.17 10.57
N VAL A 73 -5.39 -8.67 9.41
CA VAL A 73 -6.06 -9.00 8.13
C VAL A 73 -6.02 -10.45 7.70
N THR A 74 -5.18 -11.20 8.41
CA THR A 74 -5.12 -12.63 8.23
C THR A 74 -6.43 -13.25 8.74
N LYS A 75 -7.37 -12.39 9.29
CA LYS A 75 -8.64 -12.68 9.97
C LYS A 75 -9.91 -11.90 9.63
N ASP A 76 -11.07 -12.58 9.53
CA ASP A 76 -12.37 -12.01 9.15
C ASP A 76 -13.24 -11.31 10.21
N GLU A 77 -13.09 -11.76 11.45
CA GLU A 77 -13.80 -11.15 12.56
C GLU A 77 -13.13 -9.83 12.91
N ASP A 78 -11.84 -9.77 12.54
CA ASP A 78 -11.02 -8.59 12.69
C ASP A 78 -11.21 -7.50 11.65
N VAL A 79 -11.32 -7.91 10.39
CA VAL A 79 -11.65 -6.93 9.38
C VAL A 79 -13.12 -6.52 9.57
N ARG A 80 -13.98 -7.37 10.21
CA ARG A 80 -15.39 -7.05 10.40
C ARG A 80 -15.43 -5.87 11.34
N ASN A 81 -14.67 -6.01 12.43
CA ASN A 81 -14.52 -4.89 13.38
C ASN A 81 -13.19 -4.09 13.25
N LEU A 82 -13.47 -3.00 12.54
CA LEU A 82 -12.60 -1.93 12.11
C LEU A 82 -13.57 -1.12 11.24
N VAL A 83 -14.14 -1.84 10.29
CA VAL A 83 -15.15 -1.33 9.38
C VAL A 83 -16.40 -0.95 10.19
N ASP A 84 -16.98 -1.91 10.95
CA ASP A 84 -18.18 -1.65 11.73
C ASP A 84 -17.96 -0.57 12.78
N THR A 85 -16.75 -0.32 13.30
CA THR A 85 -16.55 0.76 14.29
C THR A 85 -16.09 2.05 13.63
N THR A 86 -15.82 2.04 12.30
CA THR A 86 -15.54 3.30 11.64
C THR A 86 -16.94 3.85 11.48
N ILE A 87 -17.94 3.14 10.90
CA ILE A 87 -19.35 3.57 10.71
C ILE A 87 -19.88 4.17 12.02
N ALA A 88 -19.42 3.59 13.15
CA ALA A 88 -19.78 4.01 14.51
C ALA A 88 -18.95 5.16 15.13
N LYS A 89 -17.69 5.36 14.70
CA LYS A 89 -16.85 6.48 15.15
C LYS A 89 -17.30 7.77 14.45
N HIS A 90 -17.37 7.55 13.12
CA HIS A 90 -17.73 8.50 12.09
C HIS A 90 -18.87 7.88 11.26
N GLY A 91 -19.99 8.54 10.98
CA GLY A 91 -21.11 7.95 10.23
C GLY A 91 -20.90 7.46 8.78
N LYS A 92 -19.72 7.04 8.24
CA LYS A 92 -19.51 6.45 6.89
C LYS A 92 -18.08 6.00 6.54
N LEU A 93 -17.91 5.38 5.36
CA LEU A 93 -16.60 5.02 4.82
C LEU A 93 -16.45 5.38 3.34
N ASP A 94 -16.00 6.62 3.05
CA ASP A 94 -15.66 6.95 1.69
C ASP A 94 -14.45 6.16 1.18
N ILE A 95 -13.25 6.24 1.82
CA ILE A 95 -12.01 5.70 1.25
C ILE A 95 -11.43 4.50 2.02
N MET A 96 -10.92 3.43 1.38
CA MET A 96 -10.22 2.37 2.09
C MET A 96 -8.86 2.11 1.43
N PHE A 97 -7.85 2.87 1.85
CA PHE A 97 -6.48 2.61 1.46
C PHE A 97 -6.08 1.27 2.06
N GLY A 98 -5.81 0.19 1.29
CA GLY A 98 -5.46 -1.12 1.86
C GLY A 98 -4.03 -1.64 1.68
N ASN A 99 -3.04 -0.90 2.19
CA ASN A 99 -1.60 -1.20 2.18
C ASN A 99 -1.13 -2.65 2.33
N VAL A 100 -1.05 -3.05 3.62
CA VAL A 100 -0.69 -4.32 4.22
C VAL A 100 0.27 -5.19 3.43
N GLY A 101 1.45 -5.37 4.02
CA GLY A 101 2.40 -6.11 3.27
C GLY A 101 3.77 -6.24 3.87
N VAL A 102 3.72 -7.56 3.73
CA VAL A 102 4.66 -8.57 4.14
C VAL A 102 5.49 -9.12 2.98
N LEU A 103 6.74 -9.51 3.30
CA LEU A 103 7.72 -10.07 2.37
C LEU A 103 8.47 -11.26 3.03
N SER A 104 8.98 -12.22 2.23
CA SER A 104 9.57 -13.48 2.65
C SER A 104 10.64 -13.42 3.74
N THR A 105 10.54 -14.50 4.54
CA THR A 105 11.46 -14.82 5.62
C THR A 105 11.98 -16.26 5.47
N THR A 106 12.23 -16.54 4.18
CA THR A 106 12.91 -17.68 3.55
C THR A 106 13.61 -17.06 2.33
N PRO A 107 14.67 -17.67 1.76
CA PRO A 107 15.50 -17.08 0.68
C PRO A 107 14.94 -16.30 -0.57
N TYR A 108 14.76 -17.06 -1.67
CA TYR A 108 14.40 -16.62 -3.00
C TYR A 108 14.26 -17.90 -3.80
N SER A 109 15.41 -18.57 -3.93
CA SER A 109 15.61 -19.78 -4.69
C SER A 109 14.49 -20.80 -4.61
N ILE A 110 13.95 -21.22 -5.78
CA ILE A 110 12.80 -22.09 -5.77
C ILE A 110 13.11 -23.31 -4.93
N LEU A 111 14.19 -23.96 -5.30
CA LEU A 111 14.60 -25.15 -4.61
C LEU A 111 14.90 -25.00 -3.12
N GLU A 112 15.56 -23.93 -2.65
CA GLU A 112 15.87 -23.81 -1.23
C GLU A 112 15.54 -22.42 -0.85
N ALA A 113 14.19 -22.46 -0.71
CA ALA A 113 13.22 -21.45 -0.21
C ALA A 113 11.87 -22.17 -0.04
N GLY A 114 11.34 -22.23 1.17
CA GLY A 114 10.23 -23.14 1.45
C GLY A 114 8.76 -22.81 1.15
N ASN A 115 8.14 -23.92 1.61
CA ASN A 115 6.75 -24.35 1.68
C ASN A 115 5.64 -23.78 2.53
N GLU A 116 5.92 -22.85 3.46
CA GLU A 116 4.90 -22.39 4.37
C GLU A 116 5.01 -20.90 4.66
N ASP A 117 5.99 -20.26 4.07
CA ASP A 117 6.03 -18.81 4.02
C ASP A 117 5.63 -18.45 2.59
N PHE A 118 4.58 -19.17 2.17
CA PHE A 118 3.86 -18.99 0.92
C PHE A 118 2.43 -18.91 1.45
N LYS A 119 2.09 -19.80 2.39
CA LYS A 119 0.79 -19.83 3.02
C LYS A 119 0.64 -18.53 3.79
N ARG A 120 1.50 -18.36 4.79
CA ARG A 120 1.48 -17.15 5.57
C ARG A 120 1.67 -15.83 4.78
N VAL A 121 2.47 -15.76 3.70
CA VAL A 121 2.64 -14.55 2.90
C VAL A 121 1.88 -14.76 1.61
N MET A 122 0.63 -15.09 1.86
CA MET A 122 -0.38 -15.04 0.82
C MET A 122 -1.52 -14.61 1.68
N ASP A 123 -1.56 -15.16 2.93
CA ASP A 123 -2.55 -14.83 3.88
C ASP A 123 -2.49 -13.33 4.10
N ILE A 124 -1.40 -12.75 4.61
CA ILE A 124 -1.37 -11.29 4.86
C ILE A 124 -1.54 -10.49 3.57
N ASN A 125 -0.88 -10.85 2.43
CA ASN A 125 -0.97 -10.11 1.15
C ASN A 125 -2.14 -10.45 0.24
N VAL A 126 -2.36 -11.64 -0.37
CA VAL A 126 -3.55 -11.74 -1.19
C VAL A 126 -4.80 -12.04 -0.41
N TYR A 127 -4.96 -13.21 0.27
CA TYR A 127 -6.27 -13.50 0.85
C TYR A 127 -6.63 -12.98 2.23
N GLY A 128 -6.19 -11.72 2.29
CA GLY A 128 -6.25 -10.82 3.42
C GLY A 128 -6.32 -9.39 2.94
N ALA A 129 -5.98 -9.14 1.65
CA ALA A 129 -6.22 -7.85 0.97
C ALA A 129 -7.71 -7.88 0.59
N PHE A 130 -8.21 -9.06 0.15
CA PHE A 130 -9.61 -9.37 -0.12
C PHE A 130 -10.60 -8.88 0.95
N LEU A 131 -10.65 -9.47 2.16
CA LEU A 131 -11.54 -9.10 3.25
C LEU A 131 -11.71 -7.59 3.43
N VAL A 132 -10.58 -6.84 3.38
CA VAL A 132 -10.53 -5.38 3.46
C VAL A 132 -11.48 -4.77 2.42
N ALA A 133 -11.42 -5.33 1.20
CA ALA A 133 -12.27 -4.98 0.08
C ALA A 133 -13.66 -5.58 0.22
N LYS A 134 -13.92 -6.67 0.99
CA LYS A 134 -15.28 -7.20 1.20
C LYS A 134 -16.03 -6.44 2.30
N HIS A 135 -15.30 -5.87 3.28
CA HIS A 135 -15.96 -5.17 4.36
C HIS A 135 -16.11 -3.70 4.02
N ALA A 136 -15.20 -3.16 3.20
CA ALA A 136 -15.35 -1.82 2.62
C ALA A 136 -16.44 -1.89 1.58
N ALA A 137 -16.40 -2.91 0.68
CA ALA A 137 -17.40 -3.09 -0.36
C ALA A 137 -18.79 -3.12 0.25
N ARG A 138 -19.03 -3.97 1.26
CA ARG A 138 -20.33 -4.02 1.90
C ARG A 138 -20.72 -2.76 2.66
N VAL A 139 -19.91 -1.69 2.74
CA VAL A 139 -20.40 -0.41 3.29
C VAL A 139 -20.41 0.77 2.27
N MET A 140 -19.59 0.65 1.22
CA MET A 140 -19.52 1.61 0.13
C MET A 140 -20.72 1.34 -0.80
N ILE A 141 -21.05 0.07 -1.15
CA ILE A 141 -22.19 -0.30 -2.03
C ILE A 141 -23.55 0.28 -1.57
N PRO A 142 -24.02 0.21 -0.30
CA PRO A 142 -25.11 1.02 0.25
C PRO A 142 -25.19 2.50 0.04
N ALA A 143 -24.04 3.13 -0.31
CA ALA A 143 -23.96 4.58 -0.54
C ALA A 143 -23.62 5.03 -1.99
N LYS A 144 -23.35 4.00 -2.81
CA LYS A 144 -22.97 4.12 -4.21
C LYS A 144 -21.75 5.00 -4.52
N LYS A 145 -20.92 5.31 -3.46
CA LYS A 145 -19.66 6.06 -3.53
C LYS A 145 -18.47 5.41 -2.86
N GLY A 146 -17.26 5.55 -3.51
CA GLY A 146 -15.98 5.13 -2.89
C GLY A 146 -14.81 4.56 -3.68
N SER A 147 -13.58 5.03 -3.46
CA SER A 147 -12.40 4.43 -4.07
C SER A 147 -11.75 3.53 -3.07
N ILE A 148 -11.47 2.32 -3.55
CA ILE A 148 -10.71 1.36 -2.78
C ILE A 148 -9.41 1.41 -3.56
N VAL A 149 -8.49 2.01 -2.81
CA VAL A 149 -7.10 2.00 -3.21
C VAL A 149 -6.47 0.80 -2.46
N PHE A 150 -5.44 0.21 -3.02
CA PHE A 150 -4.77 -0.83 -2.31
C PHE A 150 -3.33 -0.32 -2.12
N THR A 151 -2.31 -1.07 -2.60
CA THR A 151 -0.87 -0.79 -2.57
C THR A 151 -0.30 -2.12 -2.94
N ALA A 152 0.36 -2.15 -4.08
CA ALA A 152 1.06 -3.31 -4.57
C ALA A 152 2.55 -2.92 -4.62
N SER A 153 3.35 -3.47 -5.53
CA SER A 153 4.72 -3.05 -5.71
C SER A 153 4.98 -3.08 -7.20
N ILE A 154 6.13 -2.63 -7.70
CA ILE A 154 6.44 -2.74 -9.14
C ILE A 154 6.52 -4.19 -9.60
N SER A 155 6.56 -5.10 -8.63
CA SER A 155 6.51 -6.54 -8.88
C SER A 155 5.05 -6.92 -9.10
N SER A 156 4.13 -5.94 -9.24
CA SER A 156 2.78 -6.26 -9.63
C SER A 156 2.95 -6.44 -11.12
N PHE A 157 3.64 -5.52 -11.76
CA PHE A 157 4.01 -5.58 -13.16
C PHE A 157 4.99 -6.71 -13.58
N THR A 158 6.18 -6.78 -12.90
CA THR A 158 7.41 -7.55 -13.25
C THR A 158 8.25 -8.36 -12.23
N ALA A 159 9.60 -8.35 -12.28
CA ALA A 159 10.43 -9.19 -11.42
C ALA A 159 11.76 -8.69 -10.85
N GLY A 160 12.51 -9.66 -10.28
CA GLY A 160 13.83 -9.44 -9.70
C GLY A 160 14.50 -10.70 -9.15
N GLU A 161 15.85 -10.74 -9.25
CA GLU A 161 16.67 -11.74 -8.57
C GLU A 161 17.06 -11.10 -7.23
N GLY A 162 16.01 -11.16 -6.44
CA GLY A 162 15.99 -10.69 -5.10
C GLY A 162 14.65 -11.05 -4.45
N VAL A 163 13.63 -10.49 -5.10
CA VAL A 163 12.26 -10.58 -4.65
C VAL A 163 11.76 -12.04 -4.74
N SER A 164 11.13 -12.58 -3.69
CA SER A 164 10.71 -13.97 -3.68
C SER A 164 9.51 -14.28 -4.56
N HIS A 165 9.53 -15.43 -5.25
CA HIS A 165 8.46 -15.97 -6.09
C HIS A 165 7.00 -15.97 -5.60
N VAL A 166 6.86 -15.67 -4.30
CA VAL A 166 5.68 -15.57 -3.45
C VAL A 166 5.29 -14.12 -3.40
N TYR A 167 6.17 -13.13 -3.12
CA TYR A 167 5.91 -11.68 -3.12
C TYR A 167 5.67 -11.21 -4.57
N THR A 168 6.39 -11.84 -5.53
CA THR A 168 6.15 -11.66 -6.96
C THR A 168 4.73 -12.16 -7.28
N ALA A 169 4.37 -13.29 -6.69
CA ALA A 169 3.05 -13.89 -6.82
C ALA A 169 1.93 -13.24 -6.01
N THR A 170 2.11 -12.68 -4.83
CA THR A 170 0.97 -12.19 -4.12
C THR A 170 0.74 -10.74 -4.41
N LYS A 171 1.81 -9.94 -4.61
CA LYS A 171 1.69 -8.55 -5.10
C LYS A 171 1.90 -8.75 -6.61
N HIS A 172 0.85 -9.33 -7.23
CA HIS A 172 0.53 -9.55 -8.64
C HIS A 172 -1.00 -9.66 -8.58
N ALA A 173 -1.49 -10.66 -7.85
CA ALA A 173 -2.90 -10.84 -7.57
C ALA A 173 -3.51 -9.66 -6.79
N VAL A 174 -2.76 -8.74 -6.16
CA VAL A 174 -3.35 -7.56 -5.53
C VAL A 174 -3.63 -6.55 -6.64
N LEU A 175 -3.56 -7.03 -7.89
CA LEU A 175 -3.94 -6.35 -9.13
C LEU A 175 -5.00 -7.27 -9.75
N GLY A 176 -5.24 -8.41 -9.13
CA GLY A 176 -6.17 -9.38 -9.63
C GLY A 176 -7.47 -8.84 -9.22
N LEU A 177 -7.62 -8.87 -7.92
CA LEU A 177 -8.86 -8.46 -7.32
C LEU A 177 -8.78 -6.94 -7.17
N THR A 178 -8.39 -6.25 -8.25
CA THR A 178 -8.21 -4.79 -8.35
C THR A 178 -8.38 -4.27 -9.80
N THR A 179 -8.75 -5.22 -10.66
CA THR A 179 -9.06 -5.15 -12.07
C THR A 179 -10.43 -5.87 -12.16
N SER A 180 -10.59 -6.91 -11.34
CA SER A 180 -11.75 -7.73 -11.30
C SER A 180 -12.66 -7.20 -10.25
N LEU A 181 -12.10 -6.79 -9.12
CA LEU A 181 -12.93 -6.16 -8.09
C LEU A 181 -13.54 -4.92 -8.76
N CYS A 182 -12.72 -4.34 -9.65
CA CYS A 182 -13.07 -3.20 -10.46
C CYS A 182 -14.28 -3.45 -11.32
N THR A 183 -14.35 -4.57 -12.04
CA THR A 183 -15.44 -4.80 -13.00
C THR A 183 -16.78 -4.98 -12.36
N GLU A 184 -16.90 -4.89 -11.05
CA GLU A 184 -18.23 -4.93 -10.46
C GLU A 184 -18.44 -3.76 -9.53
N LEU A 185 -17.41 -3.42 -8.73
CA LEU A 185 -17.45 -2.24 -7.86
C LEU A 185 -17.00 -1.11 -8.78
N GLY A 186 -17.95 -0.70 -9.58
CA GLY A 186 -17.63 0.16 -10.68
C GLY A 186 -18.95 0.29 -11.36
N GLU A 187 -19.68 -0.82 -11.49
CA GLU A 187 -21.04 -0.65 -11.93
C GLU A 187 -21.84 -0.06 -10.79
N TYR A 188 -21.18 0.32 -9.65
CA TYR A 188 -21.74 1.09 -8.54
C TYR A 188 -21.18 2.54 -8.36
N GLY A 189 -20.26 3.02 -9.25
CA GLY A 189 -19.62 4.34 -9.13
C GLY A 189 -18.67 4.43 -7.94
N ILE A 190 -18.12 3.26 -7.72
CA ILE A 190 -17.13 2.92 -6.72
C ILE A 190 -15.90 2.57 -7.58
N ARG A 191 -14.80 3.22 -7.22
CA ARG A 191 -13.57 3.05 -7.96
C ARG A 191 -12.70 1.96 -7.33
N VAL A 192 -11.95 1.17 -8.16
CA VAL A 192 -10.96 0.21 -7.65
C VAL A 192 -9.55 0.31 -8.29
N ASN A 193 -8.64 0.95 -7.54
CA ASN A 193 -7.27 1.11 -7.95
C ASN A 193 -6.25 0.72 -6.91
N CYS A 194 -5.08 0.42 -7.42
CA CYS A 194 -3.95 0.27 -6.58
C CYS A 194 -2.73 1.09 -7.04
N VAL A 195 -1.99 1.67 -6.07
CA VAL A 195 -0.71 2.36 -6.15
C VAL A 195 0.35 1.25 -6.23
N SER A 196 1.63 1.46 -6.57
CA SER A 196 2.52 0.34 -6.86
C SER A 196 4.01 0.69 -6.85
N PRO A 197 4.63 1.00 -5.70
CA PRO A 197 5.90 1.74 -5.53
C PRO A 197 7.26 1.12 -5.90
N TYR A 198 8.40 1.61 -5.42
CA TYR A 198 9.72 0.99 -5.62
C TYR A 198 10.47 1.22 -4.28
N ILE A 199 11.78 0.95 -4.03
CA ILE A 199 12.39 1.15 -2.72
C ILE A 199 12.17 2.53 -2.15
N VAL A 200 11.48 2.47 -0.97
CA VAL A 200 11.06 3.60 -0.11
C VAL A 200 11.62 3.83 1.33
N ALA A 201 11.29 3.03 2.39
CA ALA A 201 11.42 3.47 3.80
C ALA A 201 12.35 3.00 4.93
N SER A 202 13.39 3.82 5.11
CA SER A 202 14.50 3.71 6.07
C SER A 202 14.33 3.30 7.56
N PRO A 203 13.87 4.11 8.53
CA PRO A 203 14.68 5.01 9.36
C PRO A 203 15.89 4.40 10.06
N LEU A 204 16.78 3.97 9.15
CA LEU A 204 18.05 3.29 9.35
C LEU A 204 17.94 1.90 10.03
N LEU A 205 17.63 0.97 9.08
CA LEU A 205 17.34 -0.47 9.18
C LEU A 205 18.27 -1.46 9.92
N THR A 206 18.48 -2.66 9.33
CA THR A 206 19.27 -3.86 9.67
C THR A 206 18.54 -4.95 10.40
N ASP A 207 19.02 -6.13 9.98
CA ASP A 207 18.67 -7.44 10.47
C ASP A 207 19.70 -8.47 9.98
N VAL A 208 20.41 -8.19 8.85
CA VAL A 208 21.48 -9.02 8.26
C VAL A 208 22.70 -8.24 7.77
N PHE A 209 22.69 -6.90 7.94
CA PHE A 209 23.64 -5.93 7.39
C PHE A 209 23.77 -6.01 5.85
N GLY A 210 23.68 -4.76 5.41
CA GLY A 210 23.54 -4.21 4.06
C GLY A 210 22.57 -3.07 4.36
N VAL A 211 21.46 -3.62 4.88
CA VAL A 211 20.31 -2.95 5.49
C VAL A 211 20.83 -2.33 6.80
N ASP A 212 20.68 -1.01 6.85
CA ASP A 212 21.15 -0.07 7.87
C ASP A 212 20.74 1.22 7.14
N SER A 213 19.43 1.28 6.82
CA SER A 213 18.85 2.20 5.85
C SER A 213 18.91 3.71 5.85
N SER A 214 19.52 3.89 4.70
CA SER A 214 19.93 5.11 4.03
C SER A 214 20.87 4.42 3.05
N ARG A 215 21.76 3.51 3.51
CA ARG A 215 22.55 2.63 2.65
C ARG A 215 21.66 1.57 1.97
N VAL A 216 20.41 1.96 1.73
CA VAL A 216 19.39 1.25 0.96
C VAL A 216 18.96 2.36 0.01
N GLU A 217 18.69 3.55 0.56
CA GLU A 217 18.26 4.71 -0.21
C GLU A 217 19.30 5.28 -1.14
N GLU A 218 20.55 5.13 -0.73
CA GLU A 218 21.69 5.52 -1.54
C GLU A 218 21.73 4.54 -2.71
N LEU A 219 21.33 3.28 -2.47
CA LEU A 219 21.35 2.25 -3.50
C LEU A 219 20.11 2.38 -4.38
N ALA A 220 19.15 3.23 -4.01
CA ALA A 220 17.96 3.51 -4.81
C ALA A 220 18.11 4.75 -5.72
N HIS A 221 19.36 5.14 -5.98
CA HIS A 221 19.72 6.33 -6.74
C HIS A 221 20.81 5.93 -7.73
N GLN A 222 21.70 5.01 -7.38
CA GLN A 222 22.67 4.52 -8.34
C GLN A 222 21.95 3.45 -9.18
N ALA A 223 20.68 3.14 -8.89
CA ALA A 223 19.97 2.10 -9.59
C ALA A 223 18.76 2.54 -10.38
N ALA A 224 18.06 3.59 -9.92
CA ALA A 224 16.88 4.21 -10.55
C ALA A 224 17.01 4.64 -12.02
N ASN A 225 15.95 5.22 -12.54
CA ASN A 225 15.95 5.86 -13.86
C ASN A 225 15.41 7.27 -13.64
N LEU A 226 15.87 7.90 -12.55
CA LEU A 226 15.54 9.27 -12.23
C LEU A 226 16.34 9.71 -11.03
N LYS A 227 17.51 10.15 -11.55
CA LYS A 227 18.61 10.79 -10.85
C LYS A 227 18.16 12.22 -10.72
N GLY A 228 18.09 12.70 -9.49
CA GLY A 228 17.63 14.08 -9.22
C GLY A 228 16.93 14.22 -7.87
N THR A 229 16.13 13.19 -7.64
CA THR A 229 15.39 12.98 -6.41
C THR A 229 15.52 11.52 -5.92
N LEU A 230 14.90 11.42 -4.74
CA LEU A 230 14.73 10.16 -4.05
C LEU A 230 13.26 10.02 -3.67
N LEU A 231 12.87 8.74 -3.69
CA LEU A 231 11.52 8.34 -3.29
C LEU A 231 11.34 8.61 -1.79
N ARG A 232 10.11 8.49 -1.36
CA ARG A 232 9.81 8.61 0.05
C ARG A 232 8.41 8.06 0.18
N ALA A 233 7.82 8.38 1.31
CA ALA A 233 6.48 8.00 1.63
C ALA A 233 5.60 9.15 1.20
N GLU A 234 6.03 10.44 1.30
CA GLU A 234 5.18 11.55 0.85
C GLU A 234 4.86 11.38 -0.63
N ASP A 235 5.81 10.70 -1.28
CA ASP A 235 5.76 10.41 -2.68
C ASP A 235 4.76 9.34 -2.99
N VAL A 236 4.47 8.37 -2.12
CA VAL A 236 3.39 7.40 -2.34
C VAL A 236 2.06 7.95 -1.83
N ALA A 237 2.03 8.57 -0.66
CA ALA A 237 0.90 9.39 -0.20
C ALA A 237 0.30 10.31 -1.28
N ASP A 238 1.20 10.79 -2.19
CA ASP A 238 0.88 11.63 -3.33
C ASP A 238 -0.02 10.85 -4.21
N ALA A 239 0.53 9.79 -4.75
CA ALA A 239 -0.22 8.85 -5.54
C ALA A 239 -1.48 8.32 -4.95
N VAL A 240 -1.68 8.43 -3.62
CA VAL A 240 -2.83 7.83 -2.94
C VAL A 240 -3.90 8.84 -2.61
N ALA A 241 -3.66 10.11 -2.24
CA ALA A 241 -4.78 11.06 -2.13
C ALA A 241 -5.42 11.37 -3.48
N TYR A 242 -4.67 11.13 -4.58
CA TYR A 242 -5.05 11.41 -5.96
C TYR A 242 -6.17 10.47 -6.34
N LEU A 243 -5.82 9.20 -6.18
CA LEU A 243 -6.71 8.10 -6.36
C LEU A 243 -7.75 8.12 -5.25
N ALA A 244 -7.52 8.80 -4.13
CA ALA A 244 -8.52 8.77 -3.04
C ALA A 244 -9.42 9.97 -3.10
N GLY A 245 -10.66 9.61 -3.30
CA GLY A 245 -11.71 10.60 -3.43
C GLY A 245 -11.49 11.52 -4.61
N ASP A 246 -11.34 12.80 -4.28
CA ASP A 246 -11.15 13.87 -5.22
C ASP A 246 -9.94 13.68 -6.11
N GLU A 247 -10.26 14.15 -7.32
CA GLU A 247 -9.47 14.16 -8.54
C GLU A 247 -9.25 12.78 -9.13
N SER A 248 -9.72 11.72 -8.44
CA SER A 248 -9.77 10.35 -8.93
C SER A 248 -11.09 10.12 -9.65
N LYS A 249 -12.09 11.01 -9.62
CA LYS A 249 -13.44 10.68 -10.06
C LYS A 249 -13.85 9.95 -11.33
N TYR A 250 -13.06 9.72 -12.40
CA TYR A 250 -13.43 8.71 -13.41
C TYR A 250 -12.22 7.78 -13.66
N VAL A 251 -11.11 7.84 -12.92
CA VAL A 251 -10.07 6.86 -13.14
C VAL A 251 -10.07 5.66 -12.19
N SER A 252 -10.83 4.64 -12.58
CA SER A 252 -10.81 3.39 -11.86
C SER A 252 -9.87 2.46 -12.65
N GLY A 253 -9.13 2.95 -13.69
CA GLY A 253 -8.16 2.10 -14.37
C GLY A 253 -7.04 1.64 -13.40
N LEU A 254 -6.02 2.52 -13.43
CA LEU A 254 -4.72 2.47 -12.75
C LEU A 254 -4.22 1.38 -11.78
N ASN A 255 -2.89 1.35 -11.84
CA ASN A 255 -1.84 0.61 -11.14
C ASN A 255 -0.80 1.68 -11.44
N LEU A 256 -0.92 2.71 -10.60
CA LEU A 256 -0.10 3.88 -10.67
C LEU A 256 1.33 3.51 -10.32
N VAL A 257 2.10 2.99 -11.28
CA VAL A 257 3.52 2.59 -11.12
C VAL A 257 4.48 3.77 -10.91
N ILE A 258 5.01 3.81 -9.67
CA ILE A 258 5.89 4.88 -9.19
C ILE A 258 7.30 4.35 -8.88
N ASP A 259 7.92 4.27 -10.05
CA ASP A 259 9.27 3.82 -10.23
C ASP A 259 10.20 4.90 -10.74
N GLY A 260 9.73 6.11 -11.02
CA GLY A 260 10.57 7.08 -11.73
C GLY A 260 11.03 6.50 -13.07
N GLY A 261 10.12 5.78 -13.74
CA GLY A 261 10.38 5.14 -14.98
C GLY A 261 11.00 3.75 -14.90
N TYR A 262 11.96 3.43 -14.00
CA TYR A 262 12.72 2.15 -13.91
C TYR A 262 12.22 0.88 -14.57
N THR A 263 10.96 0.48 -14.39
CA THR A 263 10.39 -0.80 -14.78
C THR A 263 10.43 -1.13 -16.25
N ARG A 264 10.60 -0.07 -17.04
CA ARG A 264 10.58 -0.20 -18.49
C ARG A 264 11.89 -0.05 -19.24
N THR A 265 12.96 -0.61 -18.67
CA THR A 265 14.26 -0.69 -19.34
C THR A 265 14.85 -2.11 -19.06
N ASN A 266 16.20 -2.25 -19.05
CA ASN A 266 17.11 -3.37 -18.72
C ASN A 266 18.35 -2.95 -19.54
N PRO A 267 19.30 -2.23 -18.88
CA PRO A 267 20.72 -1.95 -19.25
C PRO A 267 21.79 -3.06 -19.09
N ALA A 268 21.29 -4.31 -19.13
CA ALA A 268 22.14 -5.48 -19.08
C ALA A 268 22.83 -5.37 -20.41
N PHE A 269 22.08 -5.27 -21.51
CA PHE A 269 22.73 -5.12 -22.78
C PHE A 269 23.16 -3.67 -23.16
N PRO A 270 22.50 -2.51 -23.01
CA PRO A 270 23.15 -1.19 -23.00
C PRO A 270 24.38 -0.92 -22.13
N THR A 271 24.43 -1.32 -20.84
CA THR A 271 25.60 -1.03 -20.03
C THR A 271 26.59 -2.22 -19.93
N ALA A 272 26.63 -2.85 -21.12
CA ALA A 272 27.55 -3.89 -21.53
C ALA A 272 27.97 -3.44 -22.93
N LEU A 273 27.01 -2.91 -23.72
CA LEU A 273 27.20 -2.39 -25.07
C LEU A 273 28.11 -1.18 -25.00
N LYS A 274 27.75 -0.23 -24.11
CA LYS A 274 28.50 0.99 -23.80
C LYS A 274 28.86 1.76 -25.09
N HIS A 275 30.16 1.93 -25.36
CA HIS A 275 30.72 2.51 -26.58
C HIS A 275 32.26 2.43 -26.57
N GLY A 276 32.99 3.49 -26.16
CA GLY A 276 34.45 3.54 -26.28
C GLY A 276 35.36 3.54 -25.03
N LEU A 277 36.33 2.62 -25.17
CA LEU A 277 37.38 2.37 -24.20
C LEU A 277 38.39 1.50 -24.94
PA NAJ B . 5.77 -1.63 6.85
O1A NAJ B . 5.87 -3.11 6.95
O2A NAJ B . 6.59 -0.79 7.75
O5B NAJ B . 4.24 -1.10 6.96
C5B NAJ B . 3.12 -2.00 6.83
C4B NAJ B . 2.44 -2.42 8.13
O4B NAJ B . 1.81 -3.71 7.95
C3B NAJ B . 3.35 -2.62 9.36
O3B NAJ B . 2.94 -1.77 10.45
C2B NAJ B . 3.18 -4.09 9.72
O2B NAJ B . 3.37 -4.27 11.13
C1B NAJ B . 1.76 -4.25 9.26
N9A NAJ B . 1.12 -5.58 9.33
C8A NAJ B . 1.65 -6.76 8.94
N7A NAJ B . 0.72 -7.72 9.01
C5A NAJ B . -0.36 -7.11 9.45
C6A NAJ B . -1.62 -7.69 9.59
N6A NAJ B . -1.83 -8.97 9.31
N1A NAJ B . -2.63 -6.86 9.93
C2A NAJ B . -2.43 -5.55 10.14
N3A NAJ B . -1.22 -5.00 10.02
C4A NAJ B . -0.15 -5.77 9.65
O3 NAJ B . 6.15 -1.34 5.31
PN NAJ B . 5.67 -0.30 4.19
O1N NAJ B . 6.66 -0.42 3.10
O2N NAJ B . 5.47 1.03 4.80
O5D NAJ B . 4.25 -0.93 3.76
C5D NAJ B . 4.28 -2.12 2.96
C4D NAJ B . 3.41 -1.99 1.70
O4D NAJ B . 4.03 -1.16 0.69
C3D NAJ B . 3.24 -3.35 1.09
O3D NAJ B . 1.95 -3.52 0.48
C2D NAJ B . 4.40 -3.40 0.13
O2D NAJ B . 4.05 -4.37 -0.85
C1D NAJ B . 4.47 -1.97 -0.42
N1N NAJ B . 5.82 -1.55 -0.93
C2N NAJ B . 6.76 -0.95 -0.07
C3N NAJ B . 8.07 -0.70 -0.47
C7N NAJ B . 8.97 0.11 0.46
O7N NAJ B . 8.47 0.79 1.36
N7N NAJ B . 10.28 0.04 0.22
C4N NAJ B . 8.48 -1.06 -1.76
C5N NAJ B . 7.56 -1.63 -2.66
C6N NAJ B . 6.25 -1.86 -2.25
#